data_3OHG
#
_entry.id   3OHG
#
_cell.length_a   96.964
_cell.length_b   96.964
_cell.length_c   91.113
_cell.angle_alpha   90.000
_cell.angle_beta   90.000
_cell.angle_gamma   120.000
#
_symmetry.space_group_name_H-M   'P 61'
#
loop_
_entity.id
_entity.type
_entity.pdbx_description
1 polymer 'Uncharacterized protein from DUF2233 family'
2 non-polymer 'CHLORIDE ION'
3 non-polymer 'SULFATE ION'
4 non-polymer 1,2-ETHANEDIOL
5 water water
#
_entity_poly.entity_id   1
_entity_poly.type   'polypeptide(L)'
_entity_poly.pdbx_seq_one_letter_code
;G(MSE)PQTAIGRQLVESG(MSE)ANDVTLDNESVVRDGIKLNELAFKTFGESQHIFVATIDLNELTFTPATKDDKNVPA
TGPESSAPLPIHAFAAEANGKTVWLGVNGDYYADNPRRV(MSE)GLFYKDGVCINSQYFEGHDEVLYQLKNGETYVGQAD
EALAHEANLLHALGGYGLLVKDGVVQNFYEE(MSE)GDLQNTHPRTSVGLSQDRKT(MSE)YVFVVDGRRKDSFFALGLT
LPHLAT(MSE)(MSE)KAVGCYNAINLDGGGSTTLIIRKVNDGGKPTFPILNTPADDRVPRKVTNS(MSE)LIIEKK
;
_entity_poly.pdbx_strand_id   A
#
# COMPACT_ATOMS: atom_id res chain seq x y z
N GLY A 1 5.85 -20.13 22.12
CA GLY A 1 6.47 -18.78 21.93
C GLY A 1 5.89 -18.12 20.69
N PRO A 3 4.27 -18.30 16.54
CA PRO A 3 3.81 -16.92 16.56
C PRO A 3 3.01 -16.61 17.81
N GLN A 4 2.92 -15.34 18.16
CA GLN A 4 2.18 -14.89 19.33
C GLN A 4 1.02 -13.94 19.02
N THR A 5 0.94 -13.37 17.82
CA THR A 5 -0.18 -12.48 17.51
C THR A 5 -1.22 -13.19 16.61
N ALA A 6 -2.41 -12.60 16.50
CA ALA A 6 -3.46 -13.12 15.64
C ALA A 6 -2.98 -13.18 14.19
N ILE A 7 -2.36 -12.10 13.72
CA ILE A 7 -1.84 -12.08 12.34
C ILE A 7 -0.76 -13.15 12.16
N GLY A 8 0.15 -13.26 13.10
CA GLY A 8 1.19 -14.31 13.03
C GLY A 8 0.58 -15.70 12.93
N ARG A 9 -0.42 -15.98 13.77
CA ARG A 9 -1.14 -17.26 13.68
C ARG A 9 -1.83 -17.46 12.35
N GLN A 10 -2.48 -16.41 11.85
CA GLN A 10 -3.12 -16.47 10.54
C GLN A 10 -2.12 -16.79 9.41
N LEU A 11 -0.95 -16.13 9.42
CA LEU A 11 0.04 -16.34 8.37
C LEU A 11 0.63 -17.74 8.45
N VAL A 12 0.88 -18.25 9.64
CA VAL A 12 1.35 -19.62 9.77
C VAL A 12 0.24 -20.61 9.30
N GLU A 13 -1.01 -20.38 9.71
CA GLU A 13 -2.12 -21.26 9.30
CA GLU A 13 -2.10 -21.28 9.31
C GLU A 13 -2.27 -21.29 7.78
N SER A 14 -1.99 -20.16 7.13
CA SER A 14 -2.09 -20.07 5.66
C SER A 14 -1.11 -20.95 4.90
N GLY A 15 -0.06 -21.45 5.57
CA GLY A 15 0.98 -22.18 4.88
C GLY A 15 2.11 -21.33 4.32
N ALA A 17 4.05 -19.04 5.93
CA ALA A 17 5.00 -18.58 6.93
C ALA A 17 5.35 -19.72 7.90
N ASN A 18 6.65 -19.91 8.10
CA ASN A 18 7.21 -20.87 9.04
CA ASN A 18 7.07 -20.75 9.20
C ASN A 18 8.36 -20.22 9.81
N ASP A 19 8.82 -20.87 10.88
CA ASP A 19 10.04 -20.44 11.56
C ASP A 19 9.97 -18.93 11.86
N VAL A 20 8.89 -18.52 12.54
CA VAL A 20 8.65 -17.13 12.90
C VAL A 20 9.64 -16.69 13.96
N THR A 21 10.44 -15.67 13.65
CA THR A 21 11.48 -15.20 14.58
C THR A 21 11.16 -13.78 15.11
N LEU A 22 10.24 -13.06 14.46
CA LEU A 22 9.77 -11.76 14.95
C LEU A 22 8.27 -11.71 14.73
N ASP A 23 7.52 -11.26 15.74
CA ASP A 23 6.07 -11.20 15.63
C ASP A 23 5.57 -10.16 16.62
N ASN A 24 5.78 -8.90 16.28
CA ASN A 24 5.44 -7.79 17.17
C ASN A 24 4.22 -7.04 16.66
N GLU A 25 3.51 -6.42 17.58
CA GLU A 25 2.36 -5.61 17.18
C GLU A 25 2.30 -4.36 18.04
N SER A 26 1.78 -3.30 17.47
CA SER A 26 1.66 -2.04 18.19
C SER A 26 0.43 -1.31 17.70
N VAL A 27 0.08 -0.26 18.42
CA VAL A 27 -1.03 0.61 18.02
C VAL A 27 -0.41 1.94 17.57
N VAL A 28 -0.58 2.30 16.31
CA VAL A 28 -0.02 3.55 15.80
C VAL A 28 -0.84 4.73 16.40
N ARG A 29 -2.17 4.56 16.37
CA ARG A 29 -3.15 5.39 17.06
C ARG A 29 -4.45 4.60 17.05
N ASP A 30 -5.46 5.06 17.76
CA ASP A 30 -6.70 4.31 17.77
C ASP A 30 -7.19 4.19 16.34
N GLY A 31 -7.50 2.97 15.91
CA GLY A 31 -7.92 2.76 14.53
C GLY A 31 -6.85 2.26 13.59
N ILE A 32 -5.59 2.21 14.04
CA ILE A 32 -4.49 1.69 13.20
C ILE A 32 -3.60 0.77 14.05
N LYS A 33 -3.63 -0.50 13.71
CA LYS A 33 -2.73 -1.50 14.27
C LYS A 33 -1.62 -1.73 13.27
N LEU A 34 -0.43 -2.02 13.77
CA LEU A 34 0.70 -2.36 12.92
C LEU A 34 1.38 -3.62 13.45
N ASN A 35 1.56 -4.60 12.57
CA ASN A 35 2.22 -5.85 12.88
C ASN A 35 3.50 -5.91 12.03
N GLU A 36 4.59 -6.34 12.65
CA GLU A 36 5.87 -6.51 11.99
C GLU A 36 6.34 -7.93 12.23
N LEU A 37 6.67 -8.66 11.16
CA LEU A 37 7.01 -10.07 11.28
C LEU A 37 8.24 -10.42 10.48
N ALA A 38 8.93 -11.45 10.92
CA ALA A 38 10.02 -12.09 10.19
C ALA A 38 9.82 -13.59 10.30
N PHE A 39 9.98 -14.26 9.17
CA PHE A 39 9.68 -15.68 9.05
C PHE A 39 10.24 -16.16 7.73
N LYS A 40 10.13 -17.47 7.46
CA LYS A 40 10.46 -18.05 6.16
C LYS A 40 9.21 -18.41 5.38
N THR A 41 9.28 -18.21 4.07
CA THR A 41 8.21 -18.58 3.13
C THR A 41 8.82 -19.57 2.18
N PHE A 42 8.41 -20.83 2.27
CA PHE A 42 9.02 -21.92 1.51
C PHE A 42 10.55 -21.82 1.51
N GLY A 43 11.10 -21.69 2.71
CA GLY A 43 12.54 -21.77 2.93
C GLY A 43 13.29 -20.46 2.81
N GLU A 44 12.62 -19.39 2.39
CA GLU A 44 13.30 -18.11 2.17
C GLU A 44 12.88 -17.06 3.21
N SER A 45 13.86 -16.41 3.81
CA SER A 45 13.63 -15.40 4.83
C SER A 45 12.84 -14.23 4.28
N GLN A 46 12.01 -13.67 5.13
CA GLN A 46 11.13 -12.56 4.78
C GLN A 46 11.00 -11.61 5.97
N HIS A 47 10.54 -10.40 5.69
CA HIS A 47 10.31 -9.39 6.72
C HIS A 47 9.22 -8.47 6.18
N ILE A 48 8.09 -8.45 6.88
CA ILE A 48 6.90 -7.76 6.44
C ILE A 48 6.24 -6.94 7.54
N PHE A 49 5.47 -5.94 7.11
CA PHE A 49 4.60 -5.16 7.96
C PHE A 49 3.19 -5.31 7.44
N VAL A 50 2.23 -5.47 8.35
CA VAL A 50 0.83 -5.49 7.99
C VAL A 50 0.12 -4.45 8.87
N ALA A 51 -0.50 -3.47 8.23
CA ALA A 51 -1.28 -2.44 8.92
C ALA A 51 -2.77 -2.76 8.78
N THR A 52 -3.50 -2.66 9.88
CA THR A 52 -4.94 -2.89 9.88
C THR A 52 -5.57 -1.58 10.27
N ILE A 53 -6.37 -1.03 9.35
CA ILE A 53 -6.94 0.28 9.49
CA ILE A 53 -6.95 0.29 9.50
C ILE A 53 -8.46 0.20 9.59
N ASP A 54 -9.01 0.82 10.64
CA ASP A 54 -10.45 0.82 10.83
C ASP A 54 -11.00 1.99 10.03
N LEU A 55 -11.70 1.72 8.94
CA LEU A 55 -12.25 2.77 8.09
C LEU A 55 -13.49 3.47 8.64
N ASN A 56 -14.06 3.00 9.75
CA ASN A 56 -15.02 3.80 10.50
C ASN A 56 -14.34 5.01 11.15
N GLU A 57 -13.10 4.82 11.57
CA GLU A 57 -12.39 5.82 12.37
C GLU A 57 -11.53 6.73 11.50
N LEU A 58 -10.90 6.14 10.49
CA LEU A 58 -9.98 6.85 9.61
CA LEU A 58 -9.94 6.80 9.62
C LEU A 58 -10.38 6.66 8.15
N THR A 59 -9.72 7.41 7.28
CA THR A 59 -9.94 7.29 5.84
C THR A 59 -8.61 7.33 5.11
N PHE A 60 -8.63 7.24 3.80
CA PHE A 60 -7.42 7.38 3.02
C PHE A 60 -7.57 8.46 1.96
N THR A 61 -6.44 8.90 1.45
CA THR A 61 -6.42 9.68 0.23
C THR A 61 -5.19 9.27 -0.58
N PRO A 62 -5.33 9.23 -1.91
CA PRO A 62 -4.14 9.21 -2.76
C PRO A 62 -3.42 10.51 -2.55
N ALA A 63 -2.10 10.52 -2.76
CA ALA A 63 -1.32 11.71 -2.54
C ALA A 63 -0.30 11.90 -3.66
N THR A 64 0.03 13.16 -3.91
CA THR A 64 1.13 13.53 -4.80
C THR A 64 2.22 14.21 -3.97
N LYS A 65 3.36 14.53 -4.59
CA LYS A 65 4.50 15.09 -3.88
C LYS A 65 4.16 16.43 -3.20
N ASP A 66 3.26 17.17 -3.84
CA ASP A 66 2.93 18.53 -3.46
C ASP A 66 1.44 18.76 -3.16
N ASP A 67 0.66 17.69 -3.12
CA ASP A 67 -0.79 17.70 -2.87
C ASP A 67 -1.57 18.45 -3.94
N LYS A 68 -0.99 18.67 -5.12
CA LYS A 68 -1.69 19.32 -6.22
C LYS A 68 -2.36 18.24 -7.10
N ASN A 69 -3.50 18.59 -7.67
CA ASN A 69 -4.36 17.63 -8.41
C ASN A 69 -4.20 17.78 -9.92
N VAL A 70 -2.96 17.57 -10.38
CA VAL A 70 -2.61 17.66 -11.79
C VAL A 70 -1.64 16.52 -12.09
N PRO A 71 -1.54 16.15 -13.38
CA PRO A 71 -0.58 15.12 -13.75
C PRO A 71 0.87 15.51 -13.42
N ALA A 72 1.72 14.50 -13.29
CA ALA A 72 3.15 14.74 -13.10
C ALA A 72 3.65 15.66 -14.22
N THR A 73 4.60 16.53 -13.88
CA THR A 73 5.20 17.46 -14.87
C THR A 73 6.63 17.13 -15.25
N GLY A 74 7.33 16.33 -14.44
CA GLY A 74 8.76 16.05 -14.68
C GLY A 74 9.43 15.49 -13.42
N PRO A 75 10.77 15.65 -13.29
CA PRO A 75 11.49 14.99 -12.20
C PRO A 75 11.12 15.57 -10.88
N GLU A 76 10.85 16.86 -10.88
CA GLU A 76 10.40 17.53 -9.71
C GLU A 76 9.17 16.86 -9.12
N SER A 77 8.45 16.03 -9.89
CA SER A 77 7.16 15.51 -9.40
C SER A 77 7.34 14.33 -8.45
N SER A 78 8.55 13.81 -8.38
CA SER A 78 8.83 12.62 -7.57
C SER A 78 9.65 13.01 -6.36
N ALA A 79 9.32 12.40 -5.23
CA ALA A 79 10.00 12.66 -3.96
C ALA A 79 9.83 11.47 -3.05
N PRO A 80 10.74 11.30 -2.07
CA PRO A 80 10.54 10.18 -1.15
C PRO A 80 9.25 10.30 -0.39
N LEU A 81 8.68 9.17 -0.01
CA LEU A 81 7.36 9.14 0.64
C LEU A 81 7.11 10.18 1.76
N PRO A 82 8.07 10.40 2.69
CA PRO A 82 7.81 11.40 3.75
C PRO A 82 7.43 12.78 3.25
N ILE A 83 8.00 13.20 2.11
CA ILE A 83 7.65 14.49 1.52
C ILE A 83 6.17 14.58 1.18
N HIS A 84 5.60 13.48 0.70
CA HIS A 84 4.18 13.44 0.38
C HIS A 84 3.36 13.67 1.66
N ALA A 85 3.75 13.03 2.74
CA ALA A 85 3.08 13.21 4.04
C ALA A 85 3.15 14.66 4.51
N PHE A 86 4.34 15.24 4.47
CA PHE A 86 4.55 16.65 4.89
C PHE A 86 3.70 17.60 4.06
N ALA A 87 3.58 17.36 2.75
CA ALA A 87 2.85 18.29 1.91
C ALA A 87 1.37 18.19 2.18
N ALA A 88 0.87 16.98 2.43
CA ALA A 88 -0.52 16.75 2.76
C ALA A 88 -0.86 17.43 4.10
N GLU A 89 0.03 17.24 5.07
CA GLU A 89 -0.09 17.85 6.39
C GLU A 89 -0.16 19.37 6.32
N ALA A 90 0.65 19.96 5.45
CA ALA A 90 0.72 21.40 5.31
C ALA A 90 -0.53 21.97 4.62
N ASN A 91 -1.30 21.09 4.00
CA ASN A 91 -2.52 21.47 3.29
C ASN A 91 -3.78 20.98 4.00
N GLY A 92 -3.70 20.84 5.33
CA GLY A 92 -4.87 20.65 6.17
C GLY A 92 -5.25 19.21 6.50
N LYS A 93 -4.49 18.23 6.05
CA LYS A 93 -4.74 16.84 6.34
CA LYS A 93 -4.78 16.85 6.40
C LYS A 93 -3.95 16.46 7.62
N THR A 94 -4.42 15.43 8.32
CA THR A 94 -3.65 14.90 9.45
C THR A 94 -3.26 13.46 9.11
N VAL A 95 -1.99 13.26 8.80
CA VAL A 95 -1.52 12.01 8.19
C VAL A 95 -0.98 11.06 9.27
N TRP A 96 -1.44 9.80 9.26
CA TRP A 96 -0.97 8.83 10.26
C TRP A 96 -0.12 7.68 9.70
N LEU A 97 -0.30 7.33 8.44
CA LEU A 97 0.44 6.19 7.84
C LEU A 97 0.45 6.40 6.34
N GLY A 98 1.51 5.92 5.71
CA GLY A 98 1.59 6.03 4.25
C GLY A 98 2.39 4.92 3.63
N VAL A 99 2.05 4.61 2.37
CA VAL A 99 2.84 3.72 1.52
C VAL A 99 2.96 4.36 0.14
N ASN A 100 3.95 3.90 -0.61
CA ASN A 100 4.05 4.30 -2.00
C ASN A 100 2.82 3.79 -2.77
N GLY A 101 2.61 4.38 -3.95
CA GLY A 101 1.41 4.17 -4.74
C GLY A 101 1.57 3.31 -6.00
N ASP A 102 1.12 3.87 -7.11
CA ASP A 102 0.92 3.18 -8.38
C ASP A 102 2.22 3.15 -9.19
N TYR A 103 2.19 2.32 -10.23
CA TYR A 103 3.22 2.21 -11.25
C TYR A 103 3.24 3.48 -12.11
N TYR A 104 4.46 3.97 -12.38
CA TYR A 104 4.71 5.06 -13.31
C TYR A 104 5.54 4.63 -14.52
N ALA A 105 5.21 5.21 -15.67
CA ALA A 105 6.03 5.14 -16.89
C ALA A 105 6.89 6.41 -16.95
N ASP A 106 7.90 6.40 -17.81
CA ASP A 106 8.82 7.52 -17.96
C ASP A 106 8.83 8.01 -19.40
N ASN A 107 9.38 9.20 -19.58
CA ASN A 107 9.57 9.80 -20.91
C ASN A 107 8.26 9.92 -21.70
N PRO A 108 7.31 10.72 -21.20
CA PRO A 108 7.40 11.52 -20.00
C PRO A 108 6.89 10.78 -18.76
N ARG A 109 7.23 11.27 -17.58
CA ARG A 109 6.74 10.68 -16.34
C ARG A 109 5.22 10.76 -16.30
N ARG A 110 4.57 9.60 -16.16
CA ARG A 110 3.11 9.51 -16.15
C ARG A 110 2.62 8.24 -15.49
N VAL A 111 1.54 8.39 -14.73
CA VAL A 111 0.94 7.28 -13.98
C VAL A 111 0.32 6.27 -14.94
N GLY A 113 -1.91 3.55 -13.95
CA GLY A 113 -3.25 3.09 -13.61
C GLY A 113 -4.17 4.28 -13.50
N LEU A 114 -5.40 4.01 -13.07
CA LEU A 114 -6.35 5.07 -12.83
C LEU A 114 -5.85 5.92 -11.67
N PHE A 115 -6.07 7.24 -11.73
CA PHE A 115 -5.65 8.12 -10.65
C PHE A 115 -6.66 9.26 -10.58
N TYR A 116 -7.42 9.28 -9.49
CA TYR A 116 -8.35 10.36 -9.18
C TYR A 116 -8.05 10.83 -7.77
N LYS A 117 -8.21 12.13 -7.54
CA LYS A 117 -7.96 12.65 -6.21
C LYS A 117 -8.85 13.85 -6.01
N ASP A 118 -9.64 13.83 -4.92
CA ASP A 118 -10.59 14.93 -4.58
C ASP A 118 -11.62 15.19 -5.69
N GLY A 119 -12.00 14.14 -6.41
CA GLY A 119 -12.94 14.21 -7.51
C GLY A 119 -12.34 14.66 -8.84
N VAL A 120 -11.04 14.90 -8.85
CA VAL A 120 -10.34 15.37 -10.04
C VAL A 120 -9.62 14.18 -10.69
N CYS A 121 -9.82 14.05 -11.99
CA CYS A 121 -9.12 13.05 -12.78
C CYS A 121 -7.69 13.50 -13.02
N ILE A 122 -6.73 12.69 -12.57
CA ILE A 122 -5.33 12.85 -12.90
C ILE A 122 -4.97 11.94 -14.07
N ASN A 123 -5.46 10.69 -14.04
CA ASN A 123 -5.44 9.80 -15.19
C ASN A 123 -6.70 8.97 -15.28
N SER A 124 -7.37 9.02 -16.43
CA SER A 124 -8.42 8.05 -16.75
C SER A 124 -7.96 7.02 -17.80
N GLN A 125 -6.81 7.25 -18.46
CA GLN A 125 -6.37 6.43 -19.58
C GLN A 125 -5.36 5.41 -19.06
N TYR A 126 -5.86 4.41 -18.35
CA TYR A 126 -4.95 3.44 -17.74
C TYR A 126 -4.27 2.60 -18.81
N PHE A 127 -3.04 2.21 -18.56
CA PHE A 127 -2.28 1.42 -19.53
C PHE A 127 -2.83 0.00 -19.62
N GLU A 128 -2.55 -0.66 -20.74
CA GLU A 128 -2.95 -2.05 -20.93
CA GLU A 128 -2.96 -2.05 -20.93
C GLU A 128 -2.52 -2.89 -19.74
N GLY A 129 -3.47 -3.59 -19.16
CA GLY A 129 -3.24 -4.43 -17.99
C GLY A 129 -3.32 -3.73 -16.63
N HIS A 130 -3.24 -2.40 -16.63
CA HIS A 130 -3.15 -1.64 -15.39
C HIS A 130 -4.55 -1.27 -14.89
N ASP A 131 -5.26 -2.34 -14.54
CA ASP A 131 -6.70 -2.37 -14.44
C ASP A 131 -7.16 -2.32 -13.00
N GLU A 132 -6.26 -2.59 -12.06
CA GLU A 132 -6.64 -2.67 -10.64
C GLU A 132 -6.79 -1.29 -10.01
N VAL A 133 -7.73 -1.15 -9.09
CA VAL A 133 -7.93 0.12 -8.40
CA VAL A 133 -7.95 0.14 -8.39
C VAL A 133 -8.46 -0.01 -6.97
N LEU A 134 -7.97 0.86 -6.11
CA LEU A 134 -8.54 1.16 -4.79
C LEU A 134 -9.24 2.51 -4.94
N TYR A 135 -10.53 2.57 -4.65
CA TYR A 135 -11.28 3.81 -4.87
C TYR A 135 -12.23 4.14 -3.76
N GLN A 136 -12.61 5.41 -3.70
CA GLN A 136 -13.58 5.89 -2.75
C GLN A 136 -14.54 6.81 -3.47
N LEU A 137 -15.81 6.64 -3.15
CA LEU A 137 -16.86 7.50 -3.65
C LEU A 137 -17.08 8.71 -2.78
N LYS A 138 -17.79 9.71 -3.31
CA LYS A 138 -18.04 10.93 -2.58
C LYS A 138 -18.88 10.67 -1.32
N ASN A 139 -19.62 9.57 -1.33
CA ASN A 139 -20.39 9.16 -0.15
C ASN A 139 -19.54 8.50 0.95
N GLY A 140 -18.22 8.39 0.76
CA GLY A 140 -17.32 7.86 1.78
C GLY A 140 -17.03 6.36 1.67
N GLU A 141 -17.75 5.66 0.81
CA GLU A 141 -17.57 4.21 0.66
C GLU A 141 -16.30 3.87 -0.11
N THR A 142 -15.53 2.90 0.38
CA THR A 142 -14.27 2.48 -0.23
C THR A 142 -14.42 1.08 -0.82
N TYR A 143 -13.82 0.88 -2.01
CA TYR A 143 -13.86 -0.37 -2.74
C TYR A 143 -12.50 -0.71 -3.33
N VAL A 144 -12.28 -2.00 -3.57
CA VAL A 144 -11.16 -2.49 -4.36
C VAL A 144 -11.71 -3.28 -5.54
N GLY A 145 -11.30 -2.93 -6.78
CA GLY A 145 -11.88 -3.49 -7.96
C GLY A 145 -11.13 -3.14 -9.22
N GLN A 146 -11.88 -3.00 -10.31
CA GLN A 146 -11.33 -2.75 -11.62
C GLN A 146 -11.62 -1.32 -12.02
N ALA A 147 -10.70 -0.75 -12.81
CA ALA A 147 -10.79 0.65 -13.23
C ALA A 147 -12.16 1.03 -13.81
N ASP A 148 -12.72 0.20 -14.69
CA ASP A 148 -14.01 0.57 -15.30
C ASP A 148 -15.15 0.64 -14.30
N GLU A 149 -15.07 -0.17 -13.25
CA GLU A 149 -16.03 -0.13 -12.17
C GLU A 149 -16.00 1.19 -11.43
N ALA A 150 -14.78 1.68 -11.16
CA ALA A 150 -14.63 3.02 -10.55
C ALA A 150 -15.17 4.11 -11.46
N LEU A 151 -14.78 4.06 -12.73
CA LEU A 151 -15.15 5.08 -13.73
C LEU A 151 -16.65 5.16 -13.94
N ALA A 152 -17.32 4.03 -13.79
CA ALA A 152 -18.78 3.96 -13.97
C ALA A 152 -19.53 4.84 -13.00
N HIS A 153 -18.89 5.23 -11.90
CA HIS A 153 -19.51 6.16 -10.94
C HIS A 153 -19.48 7.61 -11.35
N GLU A 154 -18.81 7.90 -12.46
CA GLU A 154 -18.82 9.24 -13.08
C GLU A 154 -18.39 10.29 -12.07
N ALA A 155 -19.22 11.31 -11.85
CA ALA A 155 -18.82 12.42 -10.97
C ALA A 155 -18.88 12.05 -9.47
N ASN A 156 -19.43 10.89 -9.15
CA ASN A 156 -19.38 10.40 -7.76
C ASN A 156 -18.04 9.75 -7.36
N LEU A 157 -17.11 9.58 -8.31
CA LEU A 157 -15.79 9.02 -7.98
C LEU A 157 -14.95 10.12 -7.30
N LEU A 158 -14.54 9.91 -6.05
CA LEU A 158 -13.75 10.89 -5.31
C LEU A 158 -12.27 10.61 -5.48
N HIS A 159 -11.85 9.39 -5.10
CA HIS A 159 -10.45 9.03 -5.11
C HIS A 159 -10.27 7.70 -5.85
N ALA A 160 -9.15 7.55 -6.55
CA ALA A 160 -8.76 6.27 -7.13
C ALA A 160 -7.25 6.20 -7.19
N LEU A 161 -6.71 5.08 -6.71
CA LEU A 161 -5.29 4.79 -6.76
C LEU A 161 -5.15 3.46 -7.49
N GLY A 162 -4.34 3.45 -8.54
CA GLY A 162 -4.19 2.29 -9.39
C GLY A 162 -3.18 1.28 -8.90
N GLY A 163 -3.30 0.06 -9.42
CA GLY A 163 -2.38 -1.02 -9.13
C GLY A 163 -2.28 -1.94 -10.34
N TYR A 164 -1.59 -3.06 -10.15
CA TYR A 164 -1.28 -3.99 -11.22
C TYR A 164 -1.07 -5.36 -10.61
N GLY A 165 -2.10 -6.19 -10.70
CA GLY A 165 -2.11 -7.52 -10.11
C GLY A 165 -3.28 -7.58 -9.16
N LEU A 166 -4.32 -8.33 -9.54
CA LEU A 166 -5.45 -8.58 -8.64
C LEU A 166 -5.10 -9.80 -7.83
N LEU A 167 -5.00 -9.62 -6.52
CA LEU A 167 -4.50 -10.62 -5.61
C LEU A 167 -5.59 -11.51 -5.03
N VAL A 168 -6.69 -10.90 -4.59
CA VAL A 168 -7.81 -11.60 -3.99
C VAL A 168 -9.06 -11.00 -4.59
N LYS A 169 -9.98 -11.86 -5.04
CA LYS A 169 -11.22 -11.40 -5.62
C LYS A 169 -12.37 -12.17 -4.96
N ASP A 170 -13.27 -11.44 -4.31
CA ASP A 170 -14.40 -12.02 -3.56
C ASP A 170 -14.01 -13.25 -2.75
N GLY A 171 -12.91 -13.10 -2.01
CA GLY A 171 -12.43 -14.08 -1.07
C GLY A 171 -11.63 -15.24 -1.62
N VAL A 172 -11.32 -15.20 -2.93
CA VAL A 172 -10.60 -16.27 -3.59
C VAL A 172 -9.26 -15.73 -4.07
N VAL A 173 -8.19 -16.40 -3.67
CA VAL A 173 -6.85 -16.07 -4.13
C VAL A 173 -6.78 -16.17 -5.64
N GLN A 174 -6.26 -15.10 -6.26
CA GLN A 174 -6.08 -15.04 -7.71
C GLN A 174 -4.67 -15.43 -8.14
N ASN A 175 -4.56 -16.01 -9.33
CA ASN A 175 -3.27 -16.31 -9.90
C ASN A 175 -3.31 -16.18 -11.41
N PHE A 176 -3.46 -14.93 -11.85
CA PHE A 176 -3.51 -14.58 -13.27
C PHE A 176 -2.55 -13.43 -13.57
N TYR A 177 -1.26 -13.71 -13.32
CA TYR A 177 -0.20 -12.74 -13.38
C TYR A 177 0.67 -12.95 -14.62
N GLU A 178 0.26 -13.85 -15.53
CA GLU A 178 1.16 -14.37 -16.56
C GLU A 178 1.58 -13.34 -17.60
N GLU A 179 0.91 -12.19 -17.67
CA GLU A 179 1.26 -11.12 -18.60
C GLU A 179 2.20 -10.08 -17.96
N GLY A 181 5.27 -10.42 -16.72
CA GLY A 181 6.70 -10.62 -16.95
C GLY A 181 7.47 -10.82 -15.66
N ASP A 182 8.58 -10.11 -15.54
CA ASP A 182 9.52 -10.33 -14.42
C ASP A 182 8.95 -9.88 -13.07
N LEU A 183 7.84 -9.14 -13.08
CA LEU A 183 7.12 -8.83 -11.84
C LEU A 183 6.64 -10.08 -11.12
N GLN A 184 6.58 -11.20 -11.84
CA GLN A 184 6.19 -12.47 -11.20
C GLN A 184 7.27 -13.14 -10.35
N ASN A 185 8.53 -12.73 -10.53
CA ASN A 185 9.61 -13.23 -9.68
C ASN A 185 9.43 -12.68 -8.26
N THR A 186 10.24 -13.16 -7.31
CA THR A 186 10.21 -12.61 -5.97
C THR A 186 10.60 -11.10 -6.05
N HIS A 187 9.90 -10.30 -5.28
CA HIS A 187 10.16 -8.87 -5.17
C HIS A 187 9.68 -8.31 -3.84
N PRO A 188 10.26 -7.17 -3.42
CA PRO A 188 9.55 -6.33 -2.46
C PRO A 188 8.18 -5.97 -3.03
N ARG A 189 7.18 -5.83 -2.16
CA ARG A 189 5.81 -5.53 -2.58
C ARG A 189 5.14 -4.53 -1.63
N THR A 190 4.22 -3.76 -2.20
CA THR A 190 3.29 -2.93 -1.45
C THR A 190 1.92 -3.35 -1.95
N SER A 191 0.98 -3.64 -1.04
CA SER A 191 -0.35 -4.04 -1.48
C SER A 191 -1.42 -3.64 -0.51
N VAL A 192 -2.67 -3.61 -0.98
CA VAL A 192 -3.78 -3.13 -0.18
C VAL A 192 -5.04 -3.92 -0.44
N GLY A 193 -5.81 -4.17 0.60
CA GLY A 193 -7.05 -4.90 0.49
C GLY A 193 -8.08 -4.48 1.51
N LEU A 194 -9.30 -4.96 1.31
CA LEU A 194 -10.44 -4.64 2.16
C LEU A 194 -11.07 -5.93 2.63
N SER A 195 -11.59 -5.85 3.84
CA SER A 195 -12.51 -6.88 4.38
C SER A 195 -13.76 -6.98 3.53
N GLN A 196 -14.53 -8.05 3.74
CA GLN A 196 -15.74 -8.26 3.01
C GLN A 196 -16.73 -7.11 3.24
N ASP A 197 -16.82 -6.61 4.48
CA ASP A 197 -17.74 -5.48 4.77
C ASP A 197 -17.20 -4.11 4.42
N ARG A 198 -15.96 -4.07 3.92
CA ARG A 198 -15.25 -2.85 3.49
C ARG A 198 -15.04 -1.83 4.60
N LYS A 199 -15.09 -2.28 5.85
CA LYS A 199 -14.84 -1.40 7.02
C LYS A 199 -13.43 -1.54 7.57
N THR A 200 -12.67 -2.51 7.08
CA THR A 200 -11.27 -2.69 7.47
C THR A 200 -10.39 -2.72 6.24
N TYR A 202 -6.45 -3.52 4.94
CA TYR A 202 -5.19 -4.17 5.25
C TYR A 202 -4.15 -3.68 4.25
N VAL A 203 -2.99 -3.25 4.76
CA VAL A 203 -1.87 -2.77 3.96
C VAL A 203 -0.68 -3.65 4.27
N PHE A 204 -0.09 -4.23 3.24
CA PHE A 204 1.12 -5.01 3.37
C PHE A 204 2.31 -4.27 2.77
N VAL A 205 3.43 -4.28 3.49
CA VAL A 205 4.69 -3.81 2.97
C VAL A 205 5.66 -4.97 3.21
N VAL A 206 6.10 -5.55 2.10
CA VAL A 206 6.94 -6.74 2.05
C VAL A 206 8.31 -6.31 1.58
N ASP A 207 9.33 -6.45 2.42
CA ASP A 207 10.67 -6.00 2.03
C ASP A 207 11.31 -7.11 1.19
N GLY A 208 12.33 -6.73 0.42
CA GLY A 208 13.00 -7.69 -0.42
C GLY A 208 14.40 -7.27 -0.80
N ARG A 209 15.11 -8.22 -1.40
CA ARG A 209 16.48 -8.06 -1.92
C ARG A 209 17.57 -7.96 -0.84
N ARG A 210 17.21 -8.38 0.36
CA ARG A 210 18.14 -8.64 1.45
C ARG A 210 19.06 -7.48 1.81
N LYS A 211 18.47 -6.30 1.86
CA LYS A 211 19.25 -5.11 2.17
C LYS A 211 19.39 -4.76 3.66
N ASP A 212 18.96 -5.65 4.56
CA ASP A 212 19.20 -5.48 6.00
C ASP A 212 19.40 -6.84 6.66
N SER A 213 19.51 -6.83 7.99
CA SER A 213 19.92 -8.02 8.73
C SER A 213 18.85 -9.11 8.76
N PHE A 214 17.65 -8.81 8.25
CA PHE A 214 16.61 -9.83 8.09
C PHE A 214 16.84 -10.73 6.86
N PHE A 215 17.71 -10.31 5.94
CA PHE A 215 17.94 -11.07 4.70
C PHE A 215 16.62 -11.41 4.01
N ALA A 216 15.71 -10.43 3.95
CA ALA A 216 14.39 -10.62 3.37
C ALA A 216 14.49 -10.75 1.84
N LEU A 217 14.03 -11.86 1.30
CA LEU A 217 14.13 -12.09 -0.15
C LEU A 217 13.10 -11.27 -0.94
N GLY A 218 11.87 -11.32 -0.45
CA GLY A 218 10.68 -10.84 -1.19
C GLY A 218 9.82 -12.04 -1.62
N LEU A 219 8.65 -11.73 -2.16
CA LEU A 219 7.59 -12.71 -2.36
C LEU A 219 7.06 -12.74 -3.80
N THR A 220 6.60 -13.92 -4.22
CA THR A 220 5.77 -14.05 -5.41
C THR A 220 4.35 -13.52 -5.12
N LEU A 221 3.58 -13.25 -6.18
CA LEU A 221 2.25 -12.71 -6.00
C LEU A 221 1.27 -13.75 -5.43
N PRO A 222 1.32 -15.02 -5.87
CA PRO A 222 0.41 -15.98 -5.20
C PRO A 222 0.66 -16.14 -3.69
N HIS A 223 1.94 -16.07 -3.27
CA HIS A 223 2.25 -16.16 -1.85
C HIS A 223 1.72 -14.94 -1.11
N LEU A 224 1.98 -13.75 -1.62
CA LEU A 224 1.43 -12.55 -1.01
C LEU A 224 -0.10 -12.61 -0.96
N ALA A 225 -0.74 -13.01 -2.07
CA ALA A 225 -2.20 -13.04 -2.14
C ALA A 225 -2.77 -13.96 -1.04
N THR A 226 -2.10 -15.09 -0.86
CA THR A 226 -2.51 -16.10 0.13
C THR A 226 -2.43 -15.53 1.55
N LYS A 229 -5.44 -12.90 1.99
CA LYS A 229 -6.69 -13.57 2.31
CA LYS A 229 -6.68 -13.61 2.31
C LYS A 229 -6.67 -14.05 3.77
N ALA A 230 -5.55 -14.58 4.22
CA ALA A 230 -5.44 -15.17 5.56
C ALA A 230 -5.72 -14.17 6.68
N VAL A 231 -5.34 -12.91 6.48
CA VAL A 231 -5.54 -11.87 7.52
C VAL A 231 -6.89 -11.18 7.44
N GLY A 232 -7.66 -11.49 6.38
CA GLY A 232 -9.04 -10.98 6.25
C GLY A 232 -9.41 -10.27 4.95
N CYS A 233 -8.49 -10.19 3.97
CA CYS A 233 -8.85 -9.50 2.75
C CYS A 233 -9.83 -10.30 1.90
N TYR A 234 -10.93 -9.68 1.53
CA TYR A 234 -11.91 -10.24 0.60
C TYR A 234 -11.57 -9.80 -0.82
N ASN A 235 -11.01 -8.61 -0.94
CA ASN A 235 -10.56 -8.06 -2.22
C ASN A 235 -9.25 -7.33 -1.98
N ALA A 236 -8.28 -7.55 -2.85
CA ALA A 236 -6.95 -7.02 -2.62
C ALA A 236 -6.22 -6.87 -3.93
N ILE A 237 -5.35 -5.86 -3.99
CA ILE A 237 -4.55 -5.53 -5.20
C ILE A 237 -3.09 -5.20 -4.87
N ASN A 238 -2.25 -5.38 -5.88
CA ASN A 238 -0.82 -5.18 -5.79
C ASN A 238 -0.53 -3.75 -6.26
N LEU A 239 0.16 -2.96 -5.43
CA LEU A 239 0.58 -1.62 -5.88
C LEU A 239 2.04 -1.73 -6.37
N ASP A 240 2.70 -0.60 -6.57
CA ASP A 240 4.08 -0.61 -7.06
C ASP A 240 4.97 -1.20 -5.99
N GLY A 241 5.92 -2.04 -6.40
CA GLY A 241 6.82 -2.74 -5.52
C GLY A 241 8.27 -2.41 -5.79
N GLY A 242 9.13 -3.40 -5.61
CA GLY A 242 10.56 -3.24 -5.80
C GLY A 242 11.14 -2.16 -4.89
N GLY A 243 12.03 -1.37 -5.43
CA GLY A 243 12.61 -0.27 -4.66
C GLY A 243 11.63 0.84 -4.32
N SER A 244 10.46 0.87 -4.95
CA SER A 244 9.45 1.83 -4.57
C SER A 244 8.84 1.59 -3.19
N THR A 245 8.83 0.32 -2.74
CA THR A 245 8.10 -0.07 -1.54
C THR A 245 8.66 0.70 -0.33
N THR A 246 7.79 1.49 0.28
CA THR A 246 8.13 2.38 1.40
C THR A 246 6.92 2.46 2.34
N LEU A 247 7.19 2.47 3.65
CA LEU A 247 6.19 2.64 4.72
C LEU A 247 6.60 3.74 5.65
N ILE A 248 5.70 4.70 5.87
CA ILE A 248 5.90 5.72 6.89
CA ILE A 248 5.90 5.73 6.88
C ILE A 248 4.77 5.67 7.89
N ILE A 249 5.06 6.12 9.11
CA ILE A 249 4.04 6.44 10.11
C ILE A 249 4.31 7.83 10.67
N ARG A 250 3.27 8.44 11.21
CA ARG A 250 3.41 9.68 11.97
C ARG A 250 4.10 9.38 13.30
N LYS A 251 5.10 10.21 13.63
CA LYS A 251 5.68 10.28 14.96
C LYS A 251 5.46 11.69 15.48
N VAL A 252 4.83 11.79 16.66
CA VAL A 252 4.59 13.10 17.26
C VAL A 252 5.74 13.39 18.22
N ASN A 253 6.58 14.33 17.85
CA ASN A 253 7.73 14.68 18.66
C ASN A 253 7.32 15.57 19.83
N ASP A 254 8.10 15.55 20.90
CA ASP A 254 7.87 16.51 21.97
C ASP A 254 7.82 17.90 21.34
N GLY A 255 6.82 18.68 21.73
CA GLY A 255 6.54 19.96 21.12
C GLY A 255 5.40 19.92 20.12
N GLY A 256 4.98 18.72 19.77
CA GLY A 256 3.83 18.51 18.92
C GLY A 256 4.00 18.34 17.42
N LYS A 257 5.17 18.65 16.90
CA LYS A 257 5.35 18.58 15.44
C LYS A 257 5.52 17.13 15.01
N PRO A 258 4.89 16.77 13.87
CA PRO A 258 4.99 15.43 13.37
C PRO A 258 6.24 15.23 12.51
N THR A 259 6.84 14.05 12.59
CA THR A 259 7.74 13.60 11.57
C THR A 259 7.15 12.32 10.98
N PHE A 260 7.73 11.87 9.87
CA PHE A 260 7.22 10.73 9.16
C PHE A 260 8.34 9.75 8.87
N PRO A 261 8.82 9.06 9.93
CA PRO A 261 9.89 8.10 9.72
C PRO A 261 9.51 6.95 8.81
N ILE A 262 10.47 6.49 8.02
CA ILE A 262 10.33 5.30 7.19
C ILE A 262 10.67 4.08 8.03
N LEU A 263 9.75 3.10 8.06
CA LEU A 263 9.88 1.95 8.93
C LEU A 263 10.53 0.74 8.27
N ASN A 264 10.37 0.61 6.97
CA ASN A 264 10.94 -0.52 6.25
C ASN A 264 12.33 -0.16 5.74
N THR A 265 12.95 -1.11 5.04
CA THR A 265 14.26 -0.93 4.40
C THR A 265 14.11 -0.84 2.90
N PRO A 266 14.23 0.38 2.35
CA PRO A 266 14.10 0.52 0.90
C PRO A 266 15.08 -0.38 0.15
N ALA A 267 14.59 -1.02 -0.90
CA ALA A 267 15.35 -2.05 -1.57
C ALA A 267 16.42 -1.52 -2.52
N ASP A 268 16.44 -0.21 -2.83
CA ASP A 268 17.55 0.40 -3.60
C ASP A 268 18.71 0.66 -2.63
N ASP A 269 19.34 -0.39 -2.11
CA ASP A 269 20.47 -0.24 -1.21
C ASP A 269 20.21 0.67 -0.03
N ARG A 270 18.99 0.56 0.51
CA ARG A 270 18.55 1.29 1.69
C ARG A 270 18.14 2.74 1.46
N VAL A 271 18.23 3.23 0.23
CA VAL A 271 17.91 4.62 -0.13
C VAL A 271 16.45 4.74 -0.53
N PRO A 272 15.68 5.52 0.22
CA PRO A 272 14.27 5.77 -0.18
C PRO A 272 14.16 6.24 -1.61
N ARG A 273 13.25 5.62 -2.36
CA ARG A 273 13.10 5.98 -3.74
C ARG A 273 12.16 7.17 -3.87
N LYS A 274 12.44 8.01 -4.86
CA LYS A 274 11.53 9.11 -5.18
CA LYS A 274 11.53 9.10 -5.16
C LYS A 274 10.32 8.53 -5.90
N VAL A 275 9.14 8.74 -5.34
CA VAL A 275 7.91 8.21 -5.89
C VAL A 275 6.97 9.35 -6.23
N THR A 276 6.09 9.10 -7.21
CA THR A 276 5.28 10.20 -7.79
C THR A 276 3.88 10.24 -7.23
N ASN A 277 3.39 9.12 -6.75
CA ASN A 277 2.12 9.13 -5.96
C ASN A 277 2.16 8.09 -4.82
N SER A 278 1.18 8.17 -3.96
CA SER A 278 1.23 7.45 -2.70
C SER A 278 -0.17 7.31 -2.13
N LEU A 280 -2.10 7.69 1.53
CA LEU A 280 -1.99 8.17 2.90
C LEU A 280 -3.26 7.83 3.69
N ILE A 281 -3.09 7.34 4.93
CA ILE A 281 -4.17 7.18 5.89
C ILE A 281 -4.24 8.48 6.67
N ILE A 282 -5.40 9.10 6.65
CA ILE A 282 -5.61 10.40 7.24
C ILE A 282 -6.86 10.40 8.10
N GLU A 283 -6.96 11.43 8.96
CA GLU A 283 -8.16 11.62 9.79
C GLU A 283 -9.32 12.09 8.92
N LYS A 284 -10.52 11.72 9.31
CA LYS A 284 -11.74 12.19 8.66
C LYS A 284 -12.01 13.61 9.14
N LYS A 285 -12.27 14.53 8.24
CA LYS A 285 -12.51 15.92 8.64
C LYS A 285 -13.87 16.30 8.12
#